data_3HP8
#
_entry.id   3HP8
#
_cell.length_a   44.497
_cell.length_b   39.298
_cell.length_c   86.134
_cell.angle_alpha   90.00
_cell.angle_beta   97.64
_cell.angle_gamma   90.00
#
_symmetry.space_group_name_H-M   'P 1 21 1'
#
loop_
_entity.id
_entity.type
_entity.pdbx_description
1 polymer 'Cyanovirin-N-like protein'
2 branched beta-D-fructofuranose-(2-1)-alpha-D-glucopyranose
3 non-polymer 2,3-DIHYDROXY-1,4-DITHIOBUTANE
4 water water
#
_entity_poly.entity_id   1
_entity_poly.type   'polypeptide(L)'
_entity_poly.pdbx_seq_one_letter_code
;GSHMSYADSSRNAVLTNGGRTLRAECRNADGNWVTSELDLDTIIGNNDGHFQWGGQNFTETAEDIRFHPKEGAAEQPILR
ARLRDCNGEFHDRDVNLNRIQNVNGRLVFQ
;
_entity_poly.pdbx_strand_id   A,B
#
# COMPACT_ATOMS: atom_id res chain seq x y z
N MET A 4 23.11 -3.95 6.36
CA MET A 4 22.10 -3.41 7.29
C MET A 4 20.68 -3.87 6.95
N SER A 5 20.00 -4.47 7.92
CA SER A 5 18.57 -4.80 7.76
C SER A 5 17.74 -4.48 9.01
N TYR A 6 16.43 -4.67 8.90
CA TYR A 6 15.49 -4.58 10.03
C TYR A 6 16.06 -5.34 11.25
N ALA A 7 16.73 -6.45 10.98
CA ALA A 7 17.25 -7.33 12.04
C ALA A 7 18.18 -6.62 13.02
N ASP A 8 18.92 -5.62 12.53
CA ASP A 8 19.83 -4.83 13.39
C ASP A 8 19.10 -4.04 14.49
N SER A 9 17.80 -3.85 14.35
CA SER A 9 17.02 -3.06 15.29
C SER A 9 15.65 -3.70 15.60
N SER A 10 15.60 -5.03 15.53
CA SER A 10 14.37 -5.79 15.75
C SER A 10 14.79 -7.06 16.48
N ARG A 11 13.82 -7.80 17.01
CA ARG A 11 14.13 -9.02 17.77
C ARG A 11 12.95 -9.92 17.65
N ASN A 12 13.17 -11.21 17.94
CA ASN A 12 12.10 -12.20 18.01
C ASN A 12 11.41 -12.34 16.62
N ALA A 13 12.17 -12.28 15.53
CA ALA A 13 11.56 -12.37 14.19
C ALA A 13 11.19 -13.82 13.85
N VAL A 14 9.97 -14.03 13.36
CA VAL A 14 9.51 -15.38 12.96
C VAL A 14 8.64 -15.17 11.71
N LEU A 15 8.38 -16.24 10.96
CA LEU A 15 7.29 -16.23 9.96
C LEU A 15 6.02 -16.82 10.55
N THR A 16 4.91 -16.19 10.20
CA THR A 16 3.61 -16.72 10.54
C THR A 16 2.79 -16.84 9.26
N ASN A 17 1.55 -17.30 9.41
CA ASN A 17 0.64 -17.54 8.30
C ASN A 17 1.19 -18.47 7.26
N GLY A 18 1.80 -19.58 7.71
CA GLY A 18 2.31 -20.58 6.78
C GLY A 18 3.51 -20.09 5.98
N GLY A 19 4.23 -19.09 6.52
CA GLY A 19 5.48 -18.64 5.91
C GLY A 19 5.30 -17.41 5.03
N ARG A 20 4.10 -16.86 5.02
CA ARG A 20 3.82 -15.68 4.23
C ARG A 20 4.17 -14.37 4.96
N THR A 21 4.23 -14.39 6.30
CA THR A 21 4.23 -13.13 7.07
C THR A 21 5.47 -13.03 7.94
N LEU A 22 6.29 -11.99 7.71
CA LEU A 22 7.37 -11.70 8.64
C LEU A 22 6.82 -10.86 9.78
N ARG A 23 7.03 -11.34 11.01
CA ARG A 23 6.49 -10.75 12.23
C ARG A 23 7.66 -10.55 13.18
N ALA A 24 7.84 -9.35 13.73
CA ALA A 24 8.98 -9.06 14.58
C ALA A 24 8.55 -8.03 15.62
N GLU A 25 9.44 -7.78 16.56
CA GLU A 25 9.34 -6.56 17.39
C GLU A 25 10.45 -5.61 16.99
N CYS A 26 10.07 -4.40 16.60
CA CYS A 26 10.98 -3.43 15.98
C CYS A 26 11.10 -2.32 17.01
N ARG A 27 12.35 -1.91 17.28
CA ARG A 27 12.62 -0.76 18.11
C ARG A 27 12.17 0.49 17.34
N ASN A 28 11.32 1.34 17.93
CA ASN A 28 10.90 2.56 17.25
C ASN A 28 11.81 3.76 17.57
N ALA A 29 11.52 4.89 16.94
CA ALA A 29 12.20 6.17 17.18
C ALA A 29 12.58 6.42 18.65
N ASP A 30 11.63 6.28 19.58
CA ASP A 30 11.91 6.43 21.00
C ASP A 30 12.56 5.24 21.69
N GLY A 31 12.82 4.16 20.98
CA GLY A 31 13.38 2.98 21.62
C GLY A 31 12.35 2.09 22.31
N ASN A 32 11.07 2.23 21.96
CA ASN A 32 10.10 1.23 22.39
C ASN A 32 10.05 0.08 21.40
N TRP A 33 9.62 -1.07 21.88
CA TRP A 33 9.58 -2.29 21.07
C TRP A 33 8.13 -2.56 20.72
N VAL A 34 7.80 -2.45 19.42
CA VAL A 34 6.42 -2.58 18.95
C VAL A 34 6.29 -3.71 17.93
N THR A 35 5.11 -4.33 17.85
CA THR A 35 4.97 -5.51 16.99
C THR A 35 4.85 -5.00 15.55
N SER A 36 5.48 -5.68 14.59
CA SER A 36 5.33 -5.29 13.20
C SER A 36 5.20 -6.54 12.40
N GLU A 37 4.39 -6.48 11.34
CA GLU A 37 4.24 -7.61 10.46
C GLU A 37 4.35 -7.11 9.02
N LEU A 38 4.94 -7.92 8.14
CA LEU A 38 5.07 -7.58 6.73
C LEU A 38 4.68 -8.82 5.90
N ASP A 39 3.68 -8.66 5.04
CA ASP A 39 3.25 -9.76 4.17
C ASP A 39 4.29 -9.90 3.06
N LEU A 40 5.10 -10.96 3.18
CA LEU A 40 6.18 -11.25 2.25
C LEU A 40 5.72 -11.59 0.85
N ASP A 41 4.54 -12.18 0.73
CA ASP A 41 3.94 -12.38 -0.57
C ASP A 41 3.67 -11.07 -1.33
N THR A 42 3.80 -9.92 -0.68
CA THR A 42 3.58 -8.68 -1.42
C THR A 42 4.89 -8.18 -2.04
N ILE A 43 6.02 -8.79 -1.65
CA ILE A 43 7.31 -8.22 -2.04
C ILE A 43 8.32 -9.21 -2.58
N ILE A 44 8.01 -10.52 -2.51
CA ILE A 44 8.95 -11.54 -2.93
C ILE A 44 8.17 -12.46 -3.85
N GLY A 45 8.64 -12.62 -5.09
CA GLY A 45 8.02 -13.57 -6.01
C GLY A 45 8.87 -14.78 -6.26
N ASN A 46 8.31 -15.73 -7.00
CA ASN A 46 9.04 -16.86 -7.49
C ASN A 46 9.28 -16.73 -8.99
N ASN A 47 10.52 -16.41 -9.36
CA ASN A 47 10.90 -16.19 -10.76
C ASN A 47 11.70 -17.38 -11.30
N ASP A 48 11.01 -18.26 -12.00
CA ASP A 48 11.55 -19.48 -12.58
C ASP A 48 12.33 -20.22 -11.49
N GLY A 49 11.72 -20.38 -10.30
CA GLY A 49 12.32 -21.23 -9.25
C GLY A 49 13.38 -20.52 -8.42
N HIS A 50 13.39 -19.20 -8.52
CA HIS A 50 14.25 -18.30 -7.73
C HIS A 50 13.44 -17.21 -7.01
N PHE A 51 13.88 -16.83 -5.81
CA PHE A 51 13.26 -15.72 -5.05
C PHE A 51 13.50 -14.44 -5.82
N GLN A 52 12.51 -13.58 -5.91
CA GLN A 52 12.59 -12.33 -6.68
C GLN A 52 12.06 -11.18 -5.86
N TRP A 53 12.92 -10.24 -5.50
CA TRP A 53 12.51 -9.05 -4.78
C TRP A 53 11.66 -8.24 -5.73
N GLY A 54 10.59 -7.63 -5.20
CA GLY A 54 9.64 -6.88 -6.03
C GLY A 54 8.65 -7.79 -6.76
N GLY A 55 8.77 -9.09 -6.56
CA GLY A 55 7.75 -10.05 -7.05
C GLY A 55 6.61 -10.16 -6.06
N GLN A 56 5.75 -11.15 -6.26
CA GLN A 56 4.65 -11.38 -5.34
C GLN A 56 4.35 -12.87 -5.32
N ASN A 57 3.78 -13.32 -4.22
CA ASN A 57 3.19 -14.64 -4.12
C ASN A 57 4.16 -15.79 -4.16
N PHE A 58 5.38 -15.58 -3.71
CA PHE A 58 6.33 -16.69 -3.59
C PHE A 58 5.81 -17.94 -2.86
N THR A 59 4.83 -17.79 -1.96
CA THR A 59 4.37 -18.95 -1.14
C THR A 59 3.43 -19.84 -1.91
N GLU A 60 2.93 -19.34 -3.03
CA GLU A 60 1.85 -19.97 -3.70
C GLU A 60 1.99 -21.49 -3.83
N THR A 61 3.12 -22.00 -4.34
CA THR A 61 3.37 -23.44 -4.36
C THR A 61 4.64 -23.83 -3.63
N ALA A 62 5.21 -22.89 -2.87
CA ALA A 62 6.52 -23.13 -2.27
C ALA A 62 6.36 -24.28 -1.27
N GLU A 63 7.42 -25.05 -1.05
CA GLU A 63 7.42 -26.14 -0.10
C GLU A 63 8.58 -25.99 0.89
N ASP A 64 8.42 -26.59 2.06
CA ASP A 64 9.48 -26.55 3.09
C ASP A 64 9.93 -25.08 3.33
N ILE A 65 8.98 -24.16 3.50
CA ILE A 65 9.35 -22.77 3.84
C ILE A 65 9.92 -22.78 5.26
N ARG A 66 11.09 -22.19 5.46
CA ARG A 66 11.59 -21.99 6.80
C ARG A 66 12.43 -20.72 6.85
N PHE A 67 12.64 -20.25 8.07
CA PHE A 67 13.24 -18.96 8.32
C PHE A 67 14.26 -19.08 9.46
N HIS A 68 15.48 -18.60 9.21
CA HIS A 68 16.52 -18.58 10.26
C HIS A 68 16.87 -17.11 10.52
N PRO A 69 16.30 -16.54 11.59
CA PRO A 69 16.48 -15.09 11.75
C PRO A 69 17.96 -14.71 12.00
N LYS A 70 18.76 -15.65 12.47
CA LYS A 70 20.18 -15.38 12.83
C LYS A 70 21.10 -16.45 12.30
N GLU A 71 20.93 -16.73 11.02
CA GLU A 71 21.61 -17.87 10.42
C GLU A 71 23.11 -17.67 10.35
N GLY A 72 23.87 -18.66 10.81
CA GLY A 72 25.31 -18.68 10.56
C GLY A 72 26.06 -17.77 11.51
N ALA A 73 27.38 -17.74 11.40
CA ALA A 73 28.19 -16.85 12.21
C ALA A 73 27.92 -15.39 11.86
N ALA A 74 27.49 -15.14 10.63
CA ALA A 74 27.17 -13.79 10.26
C ALA A 74 25.79 -13.34 10.76
N GLU A 75 25.04 -14.28 11.35
CA GLU A 75 23.70 -13.96 11.90
C GLU A 75 22.76 -13.21 10.91
N GLN A 76 22.57 -13.83 9.76
CA GLN A 76 21.78 -13.20 8.67
C GLN A 76 20.32 -13.69 8.73
N PRO A 77 19.36 -12.82 8.35
CA PRO A 77 18.00 -13.33 8.33
C PRO A 77 17.74 -14.01 7.01
N ILE A 78 17.73 -15.36 7.00
CA ILE A 78 17.66 -16.14 5.78
C ILE A 78 16.35 -16.90 5.65
N LEU A 79 15.61 -16.60 4.59
CA LEU A 79 14.39 -17.34 4.25
C LEU A 79 14.81 -18.40 3.22
N ARG A 80 14.28 -19.61 3.40
CA ARG A 80 14.63 -20.77 2.60
C ARG A 80 13.32 -21.47 2.20
N ALA A 81 13.30 -21.99 0.98
CA ALA A 81 12.12 -22.68 0.46
C ALA A 81 12.46 -23.44 -0.81
N ARG A 82 11.70 -24.49 -1.07
CA ARG A 82 11.76 -25.18 -2.35
C ARG A 82 10.77 -24.44 -3.24
N LEU A 83 11.23 -24.01 -4.40
CA LEU A 83 10.44 -23.17 -5.31
C LEU A 83 10.29 -23.88 -6.66
N ARG A 84 9.09 -23.77 -7.24
CA ARG A 84 8.75 -24.40 -8.51
C ARG A 84 9.28 -23.60 -9.68
N ASP A 85 10.09 -24.24 -10.54
CA ASP A 85 10.58 -23.54 -11.72
C ASP A 85 9.58 -23.57 -12.87
N CYS A 86 9.89 -22.89 -13.98
CA CYS A 86 9.00 -22.88 -15.15
C CYS A 86 8.65 -24.25 -15.70
N ASN A 87 9.52 -25.23 -15.45
CA ASN A 87 9.31 -26.60 -15.89
C ASN A 87 8.57 -27.39 -14.84
N GLY A 88 8.20 -26.74 -13.75
CA GLY A 88 7.47 -27.45 -12.72
C GLY A 88 8.36 -28.28 -11.81
N GLU A 89 9.68 -28.12 -11.94
CA GLU A 89 10.63 -28.75 -10.98
C GLU A 89 10.95 -27.85 -9.79
N PHE A 90 11.18 -28.46 -8.64
CA PHE A 90 11.43 -27.72 -7.44
C PHE A 90 12.90 -27.71 -7.17
N HIS A 91 13.39 -26.61 -6.61
CA HIS A 91 14.77 -26.54 -6.16
C HIS A 91 14.82 -25.77 -4.84
N ASP A 92 15.68 -26.20 -3.94
CA ASP A 92 15.91 -25.45 -2.70
C ASP A 92 16.65 -24.13 -2.94
N ARG A 93 16.10 -23.06 -2.38
CA ARG A 93 16.56 -21.70 -2.63
C ARG A 93 16.68 -20.96 -1.31
N ASP A 94 17.38 -19.83 -1.33
CA ASP A 94 17.53 -19.00 -0.14
C ASP A 94 17.59 -17.56 -0.56
N VAL A 95 17.13 -16.70 0.32
CA VAL A 95 17.19 -15.27 0.10
C VAL A 95 17.39 -14.57 1.44
N ASN A 96 18.32 -13.62 1.45
CA ASN A 96 18.69 -12.86 2.65
C ASN A 96 17.70 -11.75 2.73
N LEU A 97 17.05 -11.61 3.88
CA LEU A 97 16.00 -10.61 4.02
C LEU A 97 16.48 -9.19 4.30
N ASN A 98 17.68 -8.84 3.84
CA ASN A 98 18.18 -7.47 4.10
C ASN A 98 17.65 -6.39 3.17
N ARG A 99 16.67 -6.74 2.35
CA ARG A 99 15.95 -5.69 1.65
C ARG A 99 14.77 -5.23 2.54
N ILE A 100 14.63 -5.83 3.73
CA ILE A 100 13.54 -5.39 4.60
C ILE A 100 14.10 -4.55 5.71
N GLN A 101 13.49 -3.40 5.93
CA GLN A 101 14.05 -2.45 6.89
C GLN A 101 13.06 -2.08 7.98
N ASN A 102 13.58 -1.68 9.15
CA ASN A 102 12.77 -1.14 10.24
C ASN A 102 12.76 0.40 10.20
N VAL A 103 11.67 0.98 9.70
CA VAL A 103 11.46 2.42 9.68
C VAL A 103 10.47 2.88 10.77
N ASN A 104 11.03 3.51 11.80
CA ASN A 104 10.33 3.92 13.02
C ASN A 104 9.36 2.87 13.55
N GLY A 105 9.83 1.65 13.78
CA GLY A 105 8.97 0.60 14.36
C GLY A 105 8.20 -0.27 13.38
N ARG A 106 8.26 0.04 12.08
CA ARG A 106 7.54 -0.74 11.06
C ARG A 106 8.47 -1.45 10.08
N LEU A 107 8.14 -2.67 9.73
CA LEU A 107 8.89 -3.40 8.72
C LEU A 107 8.46 -2.89 7.33
N VAL A 108 9.44 -2.42 6.55
N VAL A 108 9.46 -2.54 6.51
CA VAL A 108 9.15 -2.00 5.19
CA VAL A 108 9.22 -1.90 5.21
C VAL A 108 10.11 -2.68 4.22
C VAL A 108 10.20 -2.50 4.20
N PHE A 109 9.74 -2.66 2.95
CA PHE A 109 10.59 -3.18 1.88
C PHE A 109 11.32 -1.98 1.33
N GLN A 110 12.63 -2.04 1.28
CA GLN A 110 13.40 -1.08 0.49
C GLN A 110 14.28 -1.80 -0.54
N MET B 4 -19.19 -0.07 -3.32
CA MET B 4 -18.52 0.06 -4.66
C MET B 4 -18.19 1.53 -4.96
N SER B 5 -17.08 1.75 -5.64
CA SER B 5 -16.72 3.08 -6.12
C SER B 5 -16.17 2.97 -7.54
N TYR B 6 -16.00 4.11 -8.21
CA TYR B 6 -15.30 4.11 -9.50
C TYR B 6 -14.08 3.17 -9.44
N ALA B 7 -13.46 3.06 -8.27
CA ALA B 7 -12.16 2.38 -8.11
C ALA B 7 -12.20 0.88 -8.41
N ASP B 8 -13.39 0.28 -8.34
CA ASP B 8 -13.58 -1.12 -8.67
C ASP B 8 -13.44 -1.45 -10.16
N SER B 9 -13.50 -0.44 -11.01
CA SER B 9 -13.45 -0.66 -12.44
C SER B 9 -12.66 0.46 -13.11
N SER B 10 -11.62 0.90 -12.38
CA SER B 10 -10.75 1.98 -12.77
C SER B 10 -9.34 1.66 -12.37
N ARG B 11 -8.38 2.32 -13.00
CA ARG B 11 -6.98 2.03 -12.71
C ARG B 11 -6.19 3.29 -12.94
N ASN B 12 -4.99 3.32 -12.41
CA ASN B 12 -4.06 4.42 -12.63
C ASN B 12 -4.57 5.80 -12.16
N ALA B 13 -5.36 5.79 -11.09
CA ALA B 13 -6.01 7.01 -10.60
C ALA B 13 -4.96 7.98 -10.02
N VAL B 14 -4.96 9.23 -10.45
CA VAL B 14 -4.11 10.22 -9.77
C VAL B 14 -4.85 11.54 -9.55
N LEU B 15 -4.36 12.36 -8.63
CA LEU B 15 -4.77 13.76 -8.53
C LEU B 15 -3.82 14.69 -9.31
N THR B 16 -4.36 15.47 -10.25
CA THR B 16 -3.60 16.47 -10.98
C THR B 16 -4.07 17.88 -10.58
N ASN B 17 -3.54 18.90 -11.26
CA ASN B 17 -3.87 20.32 -11.00
C ASN B 17 -3.83 20.73 -9.54
N GLY B 18 -2.79 20.32 -8.82
CA GLY B 18 -2.67 20.69 -7.41
C GLY B 18 -3.72 20.15 -6.44
N GLY B 19 -4.12 18.89 -6.61
CA GLY B 19 -5.11 18.25 -5.72
C GLY B 19 -6.56 18.40 -6.16
N ARG B 20 -6.78 19.14 -7.23
CA ARG B 20 -8.11 19.51 -7.64
C ARG B 20 -8.78 18.46 -8.53
N THR B 21 -7.98 17.81 -9.38
CA THR B 21 -8.52 16.97 -10.47
C THR B 21 -8.15 15.50 -10.30
N LEU B 22 -9.18 14.67 -10.20
CA LEU B 22 -9.02 13.24 -10.24
C LEU B 22 -9.02 12.79 -11.71
N ARG B 23 -8.00 12.04 -12.11
CA ARG B 23 -7.93 11.50 -13.46
C ARG B 23 -7.63 10.03 -13.35
N ALA B 24 -8.32 9.24 -14.16
CA ALA B 24 -8.07 7.80 -14.10
C ALA B 24 -8.30 7.15 -15.44
N GLU B 25 -7.91 5.87 -15.54
CA GLU B 25 -8.35 5.04 -16.67
C GLU B 25 -9.53 4.21 -16.16
N CYS B 26 -10.65 4.33 -16.86
CA CYS B 26 -11.89 3.67 -16.49
C CYS B 26 -12.31 2.70 -17.56
N ARG B 27 -12.73 1.51 -17.13
CA ARG B 27 -13.31 0.51 -18.04
C ARG B 27 -14.77 0.83 -18.40
N ASN B 28 -15.05 0.97 -19.68
CA ASN B 28 -16.43 1.27 -20.08
C ASN B 28 -17.30 -0.01 -20.15
N ALA B 29 -18.56 0.15 -20.55
CA ALA B 29 -19.49 -0.98 -20.70
C ALA B 29 -19.05 -2.09 -21.69
N ASP B 30 -18.39 -1.72 -22.79
CA ASP B 30 -17.73 -2.69 -23.69
C ASP B 30 -16.49 -3.43 -23.13
N GLY B 31 -15.96 -2.97 -22.00
CA GLY B 31 -14.74 -3.56 -21.44
C GLY B 31 -13.47 -2.91 -21.96
N ASN B 32 -13.58 -1.70 -22.49
CA ASN B 32 -12.41 -0.99 -22.99
C ASN B 32 -12.05 0.18 -22.11
N TRP B 33 -10.75 0.45 -21.99
CA TRP B 33 -10.22 1.46 -21.05
C TRP B 33 -10.08 2.80 -21.75
N VAL B 34 -10.66 3.81 -21.10
CA VAL B 34 -10.60 5.19 -21.56
C VAL B 34 -10.20 6.08 -20.39
N THR B 35 -9.64 7.24 -20.69
CA THR B 35 -9.36 8.23 -19.65
C THR B 35 -10.58 9.05 -19.25
N SER B 36 -10.59 9.50 -18.00
CA SER B 36 -11.64 10.37 -17.54
C SER B 36 -11.05 11.22 -16.44
N GLU B 37 -11.48 12.46 -16.38
CA GLU B 37 -11.13 13.20 -15.19
C GLU B 37 -12.36 13.85 -14.63
N LEU B 38 -12.26 14.24 -13.37
CA LEU B 38 -13.38 14.90 -12.68
C LEU B 38 -12.81 15.95 -11.75
N ASP B 39 -13.38 17.14 -11.85
CA ASP B 39 -12.97 18.25 -11.00
C ASP B 39 -13.53 18.10 -9.57
N LEU B 40 -12.71 17.63 -8.64
CA LEU B 40 -13.16 17.45 -7.26
C LEU B 40 -13.67 18.74 -6.58
N ASP B 41 -13.17 19.91 -7.00
CA ASP B 41 -13.71 21.16 -6.46
C ASP B 41 -15.15 21.44 -6.89
N THR B 42 -15.69 20.69 -7.84
CA THR B 42 -17.10 20.90 -8.19
C THR B 42 -18.06 20.07 -7.34
N ILE B 43 -17.52 19.18 -6.50
CA ILE B 43 -18.34 18.20 -5.78
C ILE B 43 -17.87 17.88 -4.37
N ILE B 44 -16.70 18.36 -3.97
CA ILE B 44 -16.31 18.27 -2.55
C ILE B 44 -16.05 19.65 -1.94
N GLY B 45 -16.72 19.95 -0.84
CA GLY B 45 -16.55 21.23 -0.13
C GLY B 45 -15.83 21.08 1.20
N ASN B 46 -15.50 22.20 1.82
CA ASN B 46 -14.96 22.27 3.17
C ASN B 46 -16.00 22.96 4.07
N ASN B 47 -16.56 22.17 4.99
CA ASN B 47 -17.70 22.61 5.78
C ASN B 47 -17.27 22.59 7.22
N ASP B 48 -16.83 23.73 7.73
CA ASP B 48 -16.29 23.84 9.09
C ASP B 48 -15.16 22.85 9.34
N GLY B 49 -14.26 22.74 8.35
CA GLY B 49 -13.06 21.94 8.50
C GLY B 49 -13.23 20.44 8.32
N HIS B 50 -14.30 20.03 7.63
CA HIS B 50 -14.50 18.65 7.20
C HIS B 50 -14.86 18.59 5.69
N PHE B 51 -14.51 17.49 5.03
CA PHE B 51 -14.92 17.24 3.66
C PHE B 51 -16.44 17.13 3.53
N GLN B 52 -17.03 17.74 2.51
CA GLN B 52 -18.47 17.74 2.41
C GLN B 52 -18.88 17.40 0.99
N TRP B 53 -19.49 16.23 0.78
CA TRP B 53 -19.92 15.83 -0.55
C TRP B 53 -20.98 16.79 -1.02
N GLY B 54 -20.91 17.19 -2.28
CA GLY B 54 -21.90 18.10 -2.83
C GLY B 54 -21.56 19.54 -2.53
N GLY B 55 -20.52 19.74 -1.72
CA GLY B 55 -19.94 21.07 -1.55
C GLY B 55 -19.05 21.44 -2.74
N GLN B 56 -18.37 22.58 -2.66
CA GLN B 56 -17.44 23.03 -3.70
C GLN B 56 -16.18 23.60 -3.05
N ASN B 57 -15.06 23.56 -3.78
CA ASN B 57 -13.85 24.36 -3.45
C ASN B 57 -13.10 23.96 -2.20
N PHE B 58 -13.14 22.68 -1.85
CA PHE B 58 -12.31 22.18 -0.76
C PHE B 58 -10.81 22.53 -0.89
N THR B 59 -10.32 22.78 -2.11
CA THR B 59 -8.89 23.04 -2.28
C THR B 59 -8.51 24.46 -1.83
N GLU B 60 -9.50 25.36 -1.82
CA GLU B 60 -9.27 26.79 -1.66
C GLU B 60 -8.15 27.19 -0.66
N THR B 61 -8.13 26.59 0.53
CA THR B 61 -7.04 26.80 1.48
C THR B 61 -6.56 25.51 2.13
N ALA B 62 -6.92 24.35 1.59
CA ALA B 62 -6.46 23.11 2.19
C ALA B 62 -4.95 23.02 2.04
N GLU B 63 -4.31 22.32 2.97
CA GLU B 63 -2.87 22.13 2.96
C GLU B 63 -2.61 20.64 2.96
N ASP B 64 -1.47 20.24 2.42
N ASP B 64 -1.47 20.25 2.42
CA ASP B 64 -1.07 18.83 2.44
CA ASP B 64 -1.04 18.85 2.40
C ASP B 64 -2.15 17.94 1.81
C ASP B 64 -2.13 17.94 1.80
N ILE B 65 -2.70 18.38 0.68
CA ILE B 65 -3.61 17.53 -0.07
C ILE B 65 -2.84 16.34 -0.63
N ARG B 66 -3.34 15.14 -0.35
CA ARG B 66 -2.70 13.92 -0.83
C ARG B 66 -3.69 12.78 -1.02
N PHE B 67 -3.40 11.93 -2.00
CA PHE B 67 -4.34 10.94 -2.46
C PHE B 67 -3.71 9.58 -2.49
N HIS B 68 -4.39 8.61 -1.89
CA HIS B 68 -3.95 7.24 -1.94
C HIS B 68 -5.01 6.39 -2.64
N PRO B 69 -4.74 6.03 -3.92
CA PRO B 69 -5.64 5.28 -4.78
C PRO B 69 -6.16 4.00 -4.11
N LYS B 70 -5.31 3.35 -3.32
CA LYS B 70 -5.66 2.06 -2.71
C LYS B 70 -5.13 1.97 -1.28
N GLU B 71 -5.65 2.82 -0.40
CA GLU B 71 -5.11 2.96 0.93
C GLU B 71 -5.56 1.83 1.84
N GLY B 72 -4.60 1.29 2.60
CA GLY B 72 -4.89 0.34 3.67
C GLY B 72 -5.24 -1.07 3.21
N ALA B 73 -5.73 -1.87 4.17
CA ALA B 73 -6.26 -3.20 3.93
C ALA B 73 -7.30 -3.22 2.80
N ALA B 74 -8.47 -2.64 3.05
CA ALA B 74 -9.57 -2.69 2.10
C ALA B 74 -9.21 -2.04 0.76
N GLU B 75 -7.99 -1.48 0.69
CA GLU B 75 -7.51 -0.74 -0.49
C GLU B 75 -8.60 0.21 -0.99
N GLN B 76 -8.76 1.34 -0.29
CA GLN B 76 -9.83 2.28 -0.60
C GLN B 76 -9.24 3.58 -1.17
N PRO B 77 -9.99 4.23 -2.09
CA PRO B 77 -9.50 5.51 -2.60
C PRO B 77 -9.69 6.61 -1.55
N ILE B 78 -8.60 7.02 -0.92
CA ILE B 78 -8.68 7.93 0.22
C ILE B 78 -8.00 9.23 -0.11
N LEU B 79 -8.74 10.32 0.02
CA LEU B 79 -8.22 11.68 -0.12
C LEU B 79 -8.02 12.32 1.24
N ARG B 80 -6.81 12.80 1.50
CA ARG B 80 -6.55 13.54 2.72
C ARG B 80 -6.10 14.98 2.46
N ALA B 81 -6.50 15.89 3.34
CA ALA B 81 -6.00 17.26 3.37
C ALA B 81 -6.17 17.83 4.77
N ARG B 82 -5.35 18.82 5.13
CA ARG B 82 -5.58 19.58 6.36
C ARG B 82 -6.47 20.75 6.03
N LEU B 83 -7.64 20.83 6.69
CA LEU B 83 -8.72 21.72 6.24
C LEU B 83 -9.05 22.79 7.27
N ARG B 84 -9.39 23.98 6.78
CA ARG B 84 -9.57 25.16 7.61
C ARG B 84 -11.00 25.25 8.20
N ASP B 85 -11.13 25.11 9.52
CA ASP B 85 -12.45 25.22 10.17
C ASP B 85 -12.95 26.66 10.29
N CYS B 86 -14.15 26.85 10.84
CA CYS B 86 -14.78 28.18 10.88
C CYS B 86 -14.04 29.24 11.70
N ASN B 87 -13.19 28.77 12.61
CA ASN B 87 -12.35 29.68 13.38
C ASN B 87 -10.97 29.84 12.80
N GLY B 88 -10.71 29.19 11.67
CA GLY B 88 -9.43 29.29 10.97
C GLY B 88 -8.38 28.34 11.50
N GLU B 89 -8.82 27.36 12.29
CA GLU B 89 -7.93 26.30 12.74
C GLU B 89 -7.94 25.15 11.76
N PHE B 90 -6.75 24.61 11.49
CA PHE B 90 -6.61 23.52 10.55
C PHE B 90 -6.66 22.15 11.23
N HIS B 91 -7.28 21.18 10.56
CA HIS B 91 -7.28 19.79 11.04
C HIS B 91 -7.02 18.83 9.89
N ASP B 92 -6.24 17.80 10.15
CA ASP B 92 -6.09 16.70 9.21
C ASP B 92 -7.42 15.94 9.01
N ARG B 93 -7.95 15.98 7.79
CA ARG B 93 -9.18 15.28 7.43
C ARG B 93 -8.96 14.19 6.38
N ASP B 94 -9.94 13.31 6.24
CA ASP B 94 -9.94 12.31 5.17
C ASP B 94 -11.37 12.02 4.70
N VAL B 95 -11.47 11.49 3.49
CA VAL B 95 -12.76 11.16 2.87
C VAL B 95 -12.52 10.01 1.88
N ASN B 96 -13.32 8.95 2.02
CA ASN B 96 -13.32 7.89 1.05
C ASN B 96 -14.05 8.33 -0.22
N LEU B 97 -13.45 8.10 -1.39
CA LEU B 97 -14.01 8.64 -2.64
C LEU B 97 -15.12 7.78 -3.25
N ASN B 98 -15.86 7.07 -2.39
CA ASN B 98 -16.84 6.09 -2.84
C ASN B 98 -18.20 6.66 -3.28
N ARG B 99 -18.29 7.99 -3.36
CA ARG B 99 -19.44 8.67 -3.97
C ARG B 99 -19.20 9.01 -5.44
N ILE B 100 -17.98 8.75 -5.88
CA ILE B 100 -17.62 8.90 -7.30
C ILE B 100 -17.69 7.50 -7.93
N GLN B 101 -18.42 7.39 -9.02
CA GLN B 101 -18.61 6.11 -9.71
C GLN B 101 -18.02 6.19 -11.12
N ASN B 102 -17.69 5.04 -11.71
CA ASN B 102 -17.37 4.98 -13.14
C ASN B 102 -18.62 4.58 -13.92
N VAL B 103 -19.16 5.52 -14.69
CA VAL B 103 -20.36 5.26 -15.43
C VAL B 103 -20.00 5.20 -16.90
N ASN B 104 -19.95 3.98 -17.43
CA ASN B 104 -19.52 3.70 -18.80
C ASN B 104 -18.23 4.43 -19.20
N GLY B 105 -17.18 4.30 -18.39
CA GLY B 105 -15.91 4.96 -18.65
C GLY B 105 -15.76 6.40 -18.16
N ARG B 106 -16.80 6.94 -17.51
CA ARG B 106 -16.73 8.32 -17.02
C ARG B 106 -16.86 8.39 -15.51
N LEU B 107 -15.95 9.12 -14.88
CA LEU B 107 -16.07 9.49 -13.46
C LEU B 107 -17.25 10.43 -13.22
N VAL B 108 -18.22 9.95 -12.44
CA VAL B 108 -19.28 10.83 -12.00
C VAL B 108 -19.47 10.86 -10.50
N PHE B 109 -19.96 11.99 -10.04
CA PHE B 109 -20.37 12.16 -8.66
C PHE B 109 -21.78 11.58 -8.49
N GLN B 110 -21.90 10.64 -7.57
CA GLN B 110 -23.23 10.16 -7.20
C GLN B 110 -23.58 10.26 -5.72
#